data_6BCT
#
_entry.id   6BCT
#
_cell.length_a   116.611
_cell.length_b   43.440
_cell.length_c   105.210
_cell.angle_alpha   90.00
_cell.angle_beta   106.95
_cell.angle_gamma   90.00
#
_symmetry.space_group_name_H-M   'C 1 2 1'
#
loop_
_entity.id
_entity.type
_entity.pdbx_description
1 polymer 'Ribosomal protein 3/homing endonuclease-like fusion protein'
2 polymer 'DNA (26-MER)'
3 polymer 'DNA (27-MER)'
4 non-polymer 'CALCIUM ION'
#
loop_
_entity_poly.entity_id
_entity_poly.type
_entity_poly.pdbx_seq_one_letter_code
_entity_poly.pdbx_strand_id
1 'polypeptide(L)'
;SYSTLANFPVQARNDNISPWTITGFADAESSFMLTVSKDSKRNTGWSVRPRFRIGLHNKDVTILKSIREYLGAGIITSDI
DARIRFESLKELEVVINHFDKYPLITQKRADYLLFKKAFYLIKNKEHLTEEGLNQILTLKASLNLGLSEELKEAFPNTIP
AERLLVTGQEIPDSNWVAGFTAGDGSFYIRIAKNSTLKTGYQVQSVFQITQDTRDIELMKNLISYLNCGNIRIRKYKGSE
GIHDTCVDLVVTNLNDIKEKIIPFFNKNHIIGVKLQDYRDWCKVVTLIDNKEHLTSEGLEKIQKIKEGMNRGRSL
;
A
2 'polydeoxyribonucleotide'
;(DG)(DT)(DC)(DT)(DA)(DA)(DA)(DC)(DG)(DT)(DC)(DG)(DG)(DT)(DT)(DA)(DG)(DG)(DA)(DG)
(DC)(DA)(DT)(DT)(DT)(DG)
;
B
3 'polydeoxyribonucleotide'
;(DC)(DA)(DA)(DA)(DT)(DG)(DC)(DT)(DC)(DC)(DT)(DA)(DA)(DC)(DC)(DG)(DA)(DC)(DG)(DT)
(DT)(DT)(DA)(DG)(DA)(DC)(DA)
;
D
#
loop_
_chem_comp.id
_chem_comp.type
_chem_comp.name
_chem_comp.formula
CA non-polymer 'CALCIUM ION' 'Ca 2'
DA DNA linking 2'-DEOXYADENOSINE-5'-MONOPHOSPHATE 'C10 H14 N5 O6 P'
DC DNA linking 2'-DEOXYCYTIDINE-5'-MONOPHOSPHATE 'C9 H14 N3 O7 P'
DG DNA linking 2'-DEOXYGUANOSINE-5'-MONOPHOSPHATE 'C10 H14 N5 O7 P'
DT DNA linking THYMIDINE-5'-MONOPHOSPHATE 'C10 H15 N2 O8 P'
#
# COMPACT_ATOMS: atom_id res chain seq x y z
N ASN A 16 4.22 16.52 11.03
CA ASN A 16 2.86 16.21 10.57
C ASN A 16 2.85 15.64 9.15
N ILE A 17 1.94 14.70 8.91
CA ILE A 17 1.87 13.98 7.64
C ILE A 17 1.09 14.76 6.58
N SER A 18 1.23 14.36 5.32
CA SER A 18 0.49 14.96 4.21
C SER A 18 -0.65 14.05 3.78
N PRO A 19 -1.79 14.64 3.41
CA PRO A 19 -2.96 13.85 2.99
C PRO A 19 -2.66 12.89 1.84
N TRP A 20 -1.84 13.33 0.89
CA TRP A 20 -1.48 12.46 -0.24
C TRP A 20 -0.60 11.30 0.21
N THR A 21 0.21 11.53 1.23
CA THR A 21 1.03 10.47 1.81
C THR A 21 0.13 9.38 2.36
N ILE A 22 -0.98 9.81 2.95
CA ILE A 22 -1.98 8.89 3.49
C ILE A 22 -2.65 8.10 2.37
N THR A 23 -3.03 8.80 1.30
CA THR A 23 -3.68 8.17 0.16
C THR A 23 -2.75 7.16 -0.51
N GLY A 24 -1.49 7.55 -0.69
CA GLY A 24 -0.50 6.68 -1.31
C GLY A 24 -0.29 5.42 -0.51
N PHE A 25 -0.12 5.59 0.80
CA PHE A 25 0.01 4.47 1.73
C PHE A 25 -1.23 3.60 1.72
N ALA A 26 -2.40 4.22 1.57
CA ALA A 26 -3.65 3.48 1.59
C ALA A 26 -3.80 2.67 0.30
N ASP A 27 -3.35 3.24 -0.81
CA ASP A 27 -3.28 2.51 -2.07
C ASP A 27 -2.47 1.23 -1.93
N ALA A 28 -1.57 1.20 -0.96
CA ALA A 28 -0.71 0.03 -0.76
C ALA A 28 -1.26 -0.94 0.28
N GLU A 29 -1.69 -0.42 1.42
CA GLU A 29 -1.92 -1.30 2.58
C GLU A 29 -3.34 -1.30 3.13
N SER A 30 -4.21 -0.44 2.63
CA SER A 30 -5.55 -0.33 3.19
C SER A 30 -6.50 -1.34 2.58
N SER A 31 -7.75 -1.34 3.05
CA SER A 31 -8.74 -2.29 2.57
C SER A 31 -10.15 -1.84 2.86
N PHE A 32 -11.04 -2.04 1.90
CA PHE A 32 -12.46 -1.77 2.08
C PHE A 32 -13.21 -3.10 2.09
N MET A 33 -14.12 -3.25 3.05
CA MET A 33 -14.80 -4.53 3.25
C MET A 33 -16.30 -4.41 3.53
N LEU A 34 -17.03 -5.44 3.16
CA LEU A 34 -18.45 -5.58 3.48
C LEU A 34 -18.73 -6.93 4.11
N THR A 35 -19.06 -6.93 5.39
CA THR A 35 -19.34 -8.18 6.08
C THR A 35 -20.84 -8.45 6.12
N VAL A 36 -21.24 -9.54 5.46
CA VAL A 36 -22.62 -9.98 5.48
C VAL A 36 -22.73 -11.35 6.14
N SER A 37 -23.11 -11.36 7.41
CA SER A 37 -23.25 -12.60 8.15
C SER A 37 -24.70 -12.84 8.57
N LYS A 38 -25.04 -14.10 8.84
CA LYS A 38 -26.40 -14.44 9.23
C LYS A 38 -26.65 -14.17 10.71
N ASP A 39 -27.64 -13.33 10.99
CA ASP A 39 -28.04 -13.04 12.36
C ASP A 39 -29.54 -13.33 12.53
N SER A 40 -29.85 -14.31 13.38
CA SER A 40 -31.22 -14.74 13.61
C SER A 40 -32.05 -13.64 14.27
N LYS A 41 -31.41 -12.84 15.11
CA LYS A 41 -32.10 -11.78 15.84
C LYS A 41 -32.24 -10.51 15.00
N ARG A 42 -32.29 -10.69 13.68
CA ARG A 42 -32.50 -9.57 12.77
C ARG A 42 -33.65 -9.85 11.81
N ASN A 43 -34.32 -8.80 11.36
CA ASN A 43 -35.55 -8.95 10.59
C ASN A 43 -35.32 -9.40 9.16
N THR A 44 -34.12 -9.17 8.64
CA THR A 44 -33.77 -9.63 7.31
C THR A 44 -33.13 -11.01 7.38
N GLY A 45 -32.71 -11.39 8.59
CA GLY A 45 -31.99 -12.63 8.79
C GLY A 45 -30.52 -12.43 8.53
N TRP A 46 -30.15 -11.19 8.18
CA TRP A 46 -28.77 -10.88 7.83
C TRP A 46 -28.29 -9.58 8.45
N SER A 47 -27.01 -9.57 8.82
CA SER A 47 -26.34 -8.36 9.26
C SER A 47 -25.38 -7.88 8.19
N VAL A 48 -25.45 -6.60 7.85
CA VAL A 48 -24.56 -6.03 6.86
C VAL A 48 -23.83 -4.82 7.42
N ARG A 49 -22.50 -4.88 7.44
CA ARG A 49 -21.70 -3.78 7.95
C ARG A 49 -20.49 -3.51 7.07
N PRO A 50 -20.20 -2.22 6.83
CA PRO A 50 -19.05 -1.76 6.06
C PRO A 50 -17.84 -1.45 6.94
N ARG A 51 -16.65 -1.80 6.47
CA ARG A 51 -15.42 -1.54 7.22
C ARG A 51 -14.35 -0.86 6.38
N PHE A 52 -13.41 -0.20 7.05
CA PHE A 52 -12.17 0.26 6.43
C PHE A 52 -11.04 0.07 7.41
N ARG A 53 -10.04 -0.70 7.03
CA ARG A 53 -9.00 -1.09 7.97
C ARG A 53 -7.61 -1.16 7.34
N ILE A 54 -6.61 -0.75 8.11
CA ILE A 54 -5.20 -0.89 7.71
C ILE A 54 -4.47 -1.74 8.74
N GLY A 55 -3.85 -2.83 8.27
CA GLY A 55 -3.17 -3.75 9.16
C GLY A 55 -1.67 -3.80 8.91
N LEU A 56 -0.90 -3.37 9.91
CA LEU A 56 0.56 -3.36 9.81
C LEU A 56 1.19 -4.21 10.91
N HIS A 57 2.48 -4.47 10.78
CA HIS A 57 3.26 -5.13 11.84
C HIS A 57 3.30 -4.21 13.05
N ASN A 58 3.40 -4.81 14.24
CA ASN A 58 3.42 -4.07 15.50
C ASN A 58 4.42 -2.91 15.55
N LYS A 59 5.51 -3.02 14.81
CA LYS A 59 6.57 -2.02 14.87
C LYS A 59 6.20 -0.73 14.15
N ASP A 60 5.06 -0.72 13.47
CA ASP A 60 4.67 0.47 12.73
C ASP A 60 3.36 1.07 13.22
N VAL A 61 3.14 1.00 14.53
CA VAL A 61 1.96 1.57 15.15
C VAL A 61 1.87 3.08 14.91
N THR A 62 3.01 3.76 15.02
CA THR A 62 3.07 5.21 14.92
C THR A 62 2.56 5.72 13.57
N ILE A 63 2.72 4.90 12.54
CA ILE A 63 2.13 5.20 11.24
C ILE A 63 0.63 5.37 11.37
N LEU A 64 0.00 4.39 12.01
CA LEU A 64 -1.45 4.42 12.22
C LEU A 64 -1.82 5.63 13.06
N LYS A 65 -1.02 5.90 14.07
CA LYS A 65 -1.25 7.03 14.99
C LYS A 65 -1.21 8.36 14.26
N SER A 66 -0.25 8.51 13.35
CA SER A 66 -0.10 9.75 12.60
C SER A 66 -1.28 9.94 11.67
N ILE A 67 -1.84 8.82 11.21
CA ILE A 67 -3.02 8.85 10.35
C ILE A 67 -4.24 9.34 11.13
N ARG A 68 -4.42 8.81 12.33
CA ARG A 68 -5.52 9.21 13.20
C ARG A 68 -5.45 10.69 13.58
N GLU A 69 -4.24 11.18 13.86
CA GLU A 69 -4.05 12.58 14.20
C GLU A 69 -4.45 13.50 13.05
N TYR A 70 -4.34 13.00 11.82
CA TYR A 70 -4.72 13.79 10.65
C TYR A 70 -6.22 13.70 10.41
N LEU A 71 -6.72 12.46 10.39
CA LEU A 71 -8.12 12.20 10.07
C LEU A 71 -9.06 12.57 11.21
N GLY A 72 -8.58 12.42 12.44
CA GLY A 72 -9.39 12.70 13.60
C GLY A 72 -10.47 11.66 13.80
N ALA A 73 -10.14 10.41 13.49
CA ALA A 73 -11.06 9.29 13.65
C ALA A 73 -10.31 7.97 13.55
N GLY A 74 -10.94 6.88 13.98
CA GLY A 74 -10.35 5.56 13.86
C GLY A 74 -10.00 4.94 15.19
N ILE A 75 -10.01 3.61 15.24
CA ILE A 75 -9.65 2.89 16.46
C ILE A 75 -8.38 2.07 16.28
N ILE A 76 -7.35 2.40 17.05
CA ILE A 76 -6.08 1.70 17.00
C ILE A 76 -6.01 0.59 18.05
N THR A 77 -5.55 -0.59 17.64
CA THR A 77 -5.37 -1.72 18.54
C THR A 77 -4.07 -2.45 18.20
N SER A 78 -3.44 -3.05 19.21
CA SER A 78 -2.20 -3.78 19.00
C SER A 78 -2.20 -5.12 19.74
N ASP A 79 -2.21 -6.20 18.98
CA ASP A 79 -2.12 -7.54 19.55
C ASP A 79 -1.03 -8.32 18.83
N ILE A 80 -1.41 -9.30 18.02
CA ILE A 80 -0.45 -9.99 17.17
C ILE A 80 -0.05 -9.08 16.01
N ASP A 81 -0.87 -8.07 15.74
CA ASP A 81 -0.55 -7.06 14.75
C ASP A 81 -1.13 -5.70 15.16
N ALA A 82 -0.83 -4.67 14.38
CA ALA A 82 -1.32 -3.33 14.68
C ALA A 82 -2.35 -2.90 13.64
N ARG A 83 -3.53 -2.49 14.11
CA ARG A 83 -4.60 -2.13 13.21
C ARG A 83 -5.26 -0.80 13.58
N ILE A 84 -5.71 -0.08 12.55
CA ILE A 84 -6.61 1.05 12.75
C ILE A 84 -7.87 0.80 11.94
N ARG A 85 -9.02 0.80 12.60
CA ARG A 85 -10.27 0.49 11.90
C ARG A 85 -11.29 1.61 11.98
N PHE A 86 -12.08 1.71 10.92
CA PHE A 86 -13.20 2.64 10.85
C PHE A 86 -14.46 1.83 10.58
N GLU A 87 -15.30 1.66 11.60
CA GLU A 87 -16.50 0.83 11.46
C GLU A 87 -17.78 1.58 11.80
N SER A 88 -17.66 2.86 12.11
CA SER A 88 -18.80 3.68 12.47
C SER A 88 -19.23 4.57 11.31
N LEU A 89 -20.49 5.00 11.32
CA LEU A 89 -20.99 5.90 10.29
C LEU A 89 -20.26 7.24 10.31
N LYS A 90 -20.06 7.80 11.49
CA LYS A 90 -19.31 9.04 11.64
C LYS A 90 -17.87 8.87 11.17
N GLU A 91 -17.30 7.72 11.51
CA GLU A 91 -15.92 7.42 11.16
C GLU A 91 -15.74 7.23 9.66
N LEU A 92 -16.64 6.45 9.05
CA LEU A 92 -16.57 6.18 7.63
C LEU A 92 -16.84 7.44 6.80
N GLU A 93 -17.55 8.39 7.39
CA GLU A 93 -17.78 9.66 6.71
C GLU A 93 -16.46 10.43 6.55
N VAL A 94 -15.62 10.36 7.58
CA VAL A 94 -14.32 11.00 7.56
C VAL A 94 -13.42 10.39 6.49
N VAL A 95 -13.48 9.06 6.40
CA VAL A 95 -12.73 8.31 5.40
C VAL A 95 -13.17 8.69 4.00
N ILE A 96 -14.47 8.82 3.80
CA ILE A 96 -15.04 9.15 2.50
C ILE A 96 -14.73 10.60 2.11
N ASN A 97 -14.80 11.50 3.08
CA ASN A 97 -14.54 12.91 2.82
C ASN A 97 -13.09 13.15 2.40
N HIS A 98 -12.22 12.20 2.76
CA HIS A 98 -10.80 12.30 2.45
C HIS A 98 -10.47 11.69 1.10
N PHE A 99 -11.05 10.53 0.82
CA PHE A 99 -10.78 9.80 -0.41
C PHE A 99 -11.53 10.39 -1.60
N ASP A 100 -12.46 11.30 -1.32
CA ASP A 100 -13.17 12.00 -2.38
C ASP A 100 -12.39 13.26 -2.77
N LYS A 101 -11.69 13.83 -1.80
CA LYS A 101 -10.85 15.00 -2.04
C LYS A 101 -9.47 14.56 -2.52
N TYR A 102 -9.06 13.36 -2.13
CA TYR A 102 -7.74 12.83 -2.47
C TYR A 102 -7.86 11.37 -2.93
N PRO A 103 -8.34 11.18 -4.18
CA PRO A 103 -8.74 9.85 -4.69
C PRO A 103 -7.58 8.87 -4.86
N LEU A 104 -7.89 7.59 -4.74
CA LEU A 104 -6.94 6.52 -5.02
C LEU A 104 -6.69 6.44 -6.52
N ILE A 105 -5.58 5.83 -6.92
CA ILE A 105 -5.30 5.69 -8.35
C ILE A 105 -4.91 4.26 -8.74
N THR A 106 -4.81 3.37 -7.75
CA THR A 106 -4.62 1.96 -8.05
C THR A 106 -5.94 1.32 -8.40
N GLN A 107 -5.99 -0.01 -8.40
CA GLN A 107 -7.23 -0.71 -8.70
C GLN A 107 -8.19 -0.70 -7.51
N LYS A 108 -7.69 -0.25 -6.36
CA LYS A 108 -8.52 -0.21 -5.15
C LYS A 108 -9.58 0.89 -5.24
N ARG A 109 -9.37 1.85 -6.14
CA ARG A 109 -10.36 2.89 -6.38
C ARG A 109 -11.68 2.25 -6.80
N ALA A 110 -11.58 1.18 -7.58
CA ALA A 110 -12.75 0.40 -7.95
C ALA A 110 -13.39 -0.20 -6.70
N ASP A 111 -12.54 -0.74 -5.83
CA ASP A 111 -13.01 -1.32 -4.58
C ASP A 111 -13.66 -0.25 -3.72
N TYR A 112 -13.13 0.97 -3.82
CA TYR A 112 -13.62 2.10 -3.04
C TYR A 112 -14.98 2.60 -3.51
N LEU A 113 -15.14 2.77 -4.81
CA LEU A 113 -16.39 3.29 -5.37
C LEU A 113 -17.56 2.35 -5.05
N LEU A 114 -17.31 1.06 -5.17
CA LEU A 114 -18.30 0.06 -4.76
C LEU A 114 -18.59 0.18 -3.27
N PHE A 115 -17.55 0.47 -2.49
CA PHE A 115 -17.69 0.61 -1.05
C PHE A 115 -18.51 1.86 -0.70
N LYS A 116 -18.26 2.95 -1.43
CA LYS A 116 -18.96 4.21 -1.20
C LYS A 116 -20.45 4.07 -1.47
N LYS A 117 -20.81 3.34 -2.53
CA LYS A 117 -22.20 3.13 -2.88
C LYS A 117 -22.92 2.32 -1.80
N ALA A 118 -22.29 1.24 -1.36
CA ALA A 118 -22.87 0.38 -0.33
C ALA A 118 -23.01 1.14 0.98
N PHE A 119 -22.09 2.07 1.22
CA PHE A 119 -22.14 2.90 2.42
C PHE A 119 -23.42 3.74 2.46
N TYR A 120 -23.77 4.35 1.33
CA TYR A 120 -24.94 5.22 1.26
C TYR A 120 -26.24 4.43 1.37
N LEU A 121 -26.20 3.16 0.98
CA LEU A 121 -27.36 2.29 1.12
C LEU A 121 -27.64 1.98 2.58
N ILE A 122 -26.57 1.96 3.38
CA ILE A 122 -26.66 1.63 4.80
C ILE A 122 -27.01 2.87 5.62
N LYS A 123 -26.43 4.01 5.24
CA LYS A 123 -26.71 5.28 5.91
C LYS A 123 -28.18 5.67 5.73
N ASN A 124 -28.80 5.18 4.67
CA ASN A 124 -30.20 5.48 4.40
C ASN A 124 -31.12 4.32 4.76
N LYS A 125 -30.61 3.40 5.57
CA LYS A 125 -31.40 2.29 6.09
C LYS A 125 -31.93 1.35 5.01
N GLU A 126 -31.57 1.62 3.75
CA GLU A 126 -32.10 0.86 2.62
C GLU A 126 -31.69 -0.62 2.70
N HIS A 127 -30.64 -0.91 3.45
CA HIS A 127 -30.14 -2.27 3.60
C HIS A 127 -31.07 -3.13 4.46
N LEU A 128 -32.04 -2.49 5.10
CA LEU A 128 -32.99 -3.20 5.94
C LEU A 128 -34.12 -3.76 5.09
N THR A 129 -34.23 -3.27 3.86
CA THR A 129 -35.12 -3.85 2.87
C THR A 129 -34.38 -5.02 2.22
N GLU A 130 -35.13 -6.00 1.72
CA GLU A 130 -34.48 -7.12 1.05
C GLU A 130 -33.97 -6.70 -0.33
N GLU A 131 -34.63 -5.72 -0.93
CA GLU A 131 -34.19 -5.17 -2.21
C GLU A 131 -32.84 -4.48 -2.04
N GLY A 132 -32.72 -3.68 -0.99
CA GLY A 132 -31.47 -3.01 -0.67
C GLY A 132 -30.41 -4.00 -0.21
N LEU A 133 -30.85 -5.08 0.42
CA LEU A 133 -29.97 -6.15 0.85
C LEU A 133 -29.34 -6.82 -0.36
N ASN A 134 -30.18 -7.29 -1.27
CA ASN A 134 -29.71 -7.94 -2.50
C ASN A 134 -28.78 -7.03 -3.29
N GLN A 135 -29.08 -5.74 -3.29
CA GLN A 135 -28.26 -4.77 -4.01
C GLN A 135 -26.87 -4.69 -3.41
N ILE A 136 -26.80 -4.73 -2.08
CA ILE A 136 -25.52 -4.70 -1.39
C ILE A 136 -24.67 -5.91 -1.74
N LEU A 137 -25.31 -7.07 -1.85
CA LEU A 137 -24.59 -8.28 -2.20
C LEU A 137 -24.09 -8.26 -3.65
N THR A 138 -24.73 -7.46 -4.49
CA THR A 138 -24.24 -7.31 -5.86
C THR A 138 -22.96 -6.51 -5.83
N LEU A 139 -22.84 -5.63 -4.83
CA LEU A 139 -21.63 -4.82 -4.65
C LEU A 139 -20.51 -5.63 -4.00
N LYS A 140 -20.86 -6.46 -3.03
CA LYS A 140 -19.88 -7.32 -2.38
C LYS A 140 -19.33 -8.34 -3.36
N ALA A 141 -20.17 -8.76 -4.31
CA ALA A 141 -19.79 -9.76 -5.29
C ALA A 141 -18.62 -9.29 -6.16
N SER A 142 -18.55 -7.97 -6.35
CA SER A 142 -17.48 -7.37 -7.15
C SER A 142 -16.44 -6.69 -6.26
N LEU A 143 -16.53 -6.95 -4.95
CA LEU A 143 -15.62 -6.34 -3.99
C LEU A 143 -14.52 -7.32 -3.56
N ASN A 144 -13.28 -6.96 -3.84
CA ASN A 144 -12.13 -7.77 -3.45
C ASN A 144 -12.20 -9.21 -3.95
N LEU A 145 -12.45 -10.14 -3.02
CA LEU A 145 -12.48 -11.56 -3.36
C LEU A 145 -13.87 -12.03 -3.75
N GLY A 146 -14.85 -11.15 -3.61
CA GLY A 146 -16.22 -11.49 -3.97
C GLY A 146 -16.94 -12.28 -2.90
N LEU A 147 -17.96 -13.05 -3.32
CA LEU A 147 -18.80 -13.80 -2.39
C LEU A 147 -18.27 -15.21 -2.12
N SER A 148 -18.39 -15.64 -0.88
CA SER A 148 -18.03 -17.01 -0.51
C SER A 148 -19.03 -18.02 -1.06
N GLU A 149 -18.72 -19.30 -0.91
CA GLU A 149 -19.64 -20.35 -1.32
C GLU A 149 -20.88 -20.37 -0.43
N GLU A 150 -20.72 -19.94 0.82
CA GLU A 150 -21.85 -19.90 1.75
C GLU A 150 -22.84 -18.80 1.36
N LEU A 151 -22.32 -17.63 1.01
CA LEU A 151 -23.15 -16.52 0.58
C LEU A 151 -23.70 -16.76 -0.83
N LYS A 152 -23.02 -17.60 -1.59
CA LYS A 152 -23.45 -17.93 -2.95
C LYS A 152 -24.71 -18.78 -2.90
N GLU A 153 -24.74 -19.75 -1.99
CA GLU A 153 -25.88 -20.63 -1.83
C GLU A 153 -27.06 -19.90 -1.21
N ALA A 154 -26.77 -18.93 -0.35
CA ALA A 154 -27.82 -18.15 0.30
C ALA A 154 -28.43 -17.13 -0.64
N PHE A 155 -27.64 -16.66 -1.60
CA PHE A 155 -28.11 -15.69 -2.58
C PHE A 155 -27.77 -16.14 -4.00
N PRO A 156 -28.50 -17.14 -4.52
CA PRO A 156 -28.19 -17.75 -5.82
C PRO A 156 -28.38 -16.77 -6.98
N ASN A 157 -27.53 -16.91 -8.00
CA ASN A 157 -27.61 -16.10 -9.21
C ASN A 157 -27.64 -14.60 -8.95
N THR A 158 -26.73 -14.15 -8.08
CA THR A 158 -26.58 -12.74 -7.80
C THR A 158 -25.72 -12.09 -8.87
N ILE A 159 -26.23 -11.03 -9.49
CA ILE A 159 -25.51 -10.35 -10.58
C ILE A 159 -24.49 -9.36 -10.05
N PRO A 160 -23.20 -9.66 -10.22
CA PRO A 160 -22.12 -8.81 -9.71
C PRO A 160 -22.15 -7.42 -10.34
N ALA A 161 -22.09 -6.39 -9.51
CA ALA A 161 -22.16 -5.01 -9.98
C ALA A 161 -20.97 -4.72 -10.89
N GLU A 162 -21.17 -3.81 -11.84
CA GLU A 162 -20.12 -3.45 -12.78
C GLU A 162 -18.92 -2.86 -12.03
N ARG A 163 -17.74 -3.37 -12.35
CA ARG A 163 -16.52 -2.92 -11.70
C ARG A 163 -15.70 -2.01 -12.61
N LEU A 164 -15.56 -0.76 -12.21
CA LEU A 164 -14.78 0.21 -12.98
C LEU A 164 -13.32 -0.23 -13.09
N LEU A 165 -12.80 -0.26 -14.32
CA LEU A 165 -11.39 -0.59 -14.52
C LEU A 165 -10.57 0.70 -14.54
N VAL A 166 -9.77 0.90 -13.49
CA VAL A 166 -9.05 2.16 -13.34
C VAL A 166 -7.90 2.27 -14.33
N THR A 167 -8.04 3.19 -15.28
CA THR A 167 -7.02 3.40 -16.29
C THR A 167 -6.72 4.89 -16.46
N GLY A 168 -5.59 5.20 -17.06
CA GLY A 168 -5.18 6.58 -17.27
C GLY A 168 -4.98 7.28 -15.94
N GLN A 169 -4.38 6.58 -14.99
CA GLN A 169 -4.12 7.14 -13.67
C GLN A 169 -2.79 7.89 -13.64
N GLU A 170 -2.86 9.21 -13.58
CA GLU A 170 -1.64 10.02 -13.47
C GLU A 170 -1.36 10.39 -12.03
N ILE A 171 -0.08 10.54 -11.71
CA ILE A 171 0.36 10.83 -10.35
C ILE A 171 -0.17 12.17 -9.86
N PRO A 172 -1.00 12.13 -8.80
CA PRO A 172 -1.66 13.32 -8.25
C PRO A 172 -0.72 14.22 -7.44
N ASP A 173 0.29 13.62 -6.83
CA ASP A 173 1.20 14.36 -5.96
C ASP A 173 2.44 13.53 -5.66
N SER A 174 3.54 14.21 -5.36
CA SER A 174 4.78 13.50 -5.05
C SER A 174 4.68 12.81 -3.70
N ASN A 175 3.81 13.31 -2.84
CA ASN A 175 3.61 12.70 -1.52
C ASN A 175 2.89 11.37 -1.62
N TRP A 176 2.08 11.20 -2.67
CA TRP A 176 1.44 9.93 -2.93
C TRP A 176 2.48 8.84 -3.15
N VAL A 177 3.51 9.16 -3.94
CA VAL A 177 4.58 8.22 -4.22
C VAL A 177 5.32 7.86 -2.94
N ALA A 178 5.62 8.85 -2.11
CA ALA A 178 6.29 8.62 -0.83
C ALA A 178 5.45 7.72 0.07
N GLY A 179 4.13 7.88 0.00
CA GLY A 179 3.24 7.05 0.78
C GLY A 179 3.18 5.63 0.25
N PHE A 180 3.03 5.52 -1.07
CA PHE A 180 2.91 4.23 -1.74
C PHE A 180 4.19 3.41 -1.64
N THR A 181 5.33 4.09 -1.66
CA THR A 181 6.62 3.41 -1.49
C THR A 181 6.81 3.01 -0.02
N ALA A 182 6.24 3.78 0.90
CA ALA A 182 6.37 3.47 2.32
C ALA A 182 5.59 2.23 2.71
N GLY A 183 4.81 1.70 1.76
CA GLY A 183 3.99 0.53 2.02
C GLY A 183 4.39 -0.68 1.20
N ASP A 184 4.55 -0.49 -0.11
CA ASP A 184 4.89 -1.58 -1.01
C ASP A 184 6.33 -1.53 -1.49
N GLY A 185 7.02 -0.44 -1.19
CA GLY A 185 8.36 -0.22 -1.69
C GLY A 185 9.45 -0.91 -0.86
N SER A 186 10.69 -0.74 -1.28
CA SER A 186 11.82 -1.37 -0.60
C SER A 186 13.16 -0.76 -0.97
N PHE A 187 13.93 -0.38 0.04
CA PHE A 187 15.30 0.09 -0.16
C PHE A 187 16.29 -0.94 0.36
N TYR A 188 16.96 -1.64 -0.55
CA TYR A 188 17.94 -2.64 -0.11
C TYR A 188 19.20 -2.62 -0.96
N ILE A 189 20.25 -3.27 -0.46
CA ILE A 189 21.52 -3.40 -1.16
C ILE A 189 21.71 -4.83 -1.63
N ARG A 190 22.33 -5.00 -2.79
CA ARG A 190 22.58 -6.34 -3.33
C ARG A 190 24.06 -6.68 -3.26
N ILE A 191 24.38 -7.75 -2.54
CA ILE A 191 25.75 -8.25 -2.48
C ILE A 191 25.87 -9.58 -3.23
N ALA A 192 26.43 -9.52 -4.44
CA ALA A 192 26.57 -10.71 -5.28
C ALA A 192 27.95 -11.34 -5.16
N LYS A 193 28.02 -12.66 -5.33
CA LYS A 193 29.29 -13.38 -5.30
C LYS A 193 29.92 -13.45 -6.69
N ASN A 194 30.55 -12.35 -7.09
CA ASN A 194 31.20 -12.27 -8.40
C ASN A 194 32.73 -12.27 -8.29
N SER A 195 33.36 -13.34 -8.75
CA SER A 195 34.80 -13.48 -8.66
C SER A 195 35.55 -12.53 -9.60
N THR A 196 34.81 -11.97 -10.56
CA THR A 196 35.40 -11.05 -11.53
C THR A 196 35.81 -9.74 -10.86
N LEU A 197 35.21 -9.45 -9.71
CA LEU A 197 35.55 -8.26 -8.94
C LEU A 197 36.68 -8.55 -7.96
N LYS A 198 37.55 -7.56 -7.77
CA LYS A 198 38.73 -7.72 -6.92
C LYS A 198 38.39 -8.00 -5.45
N THR A 199 37.47 -7.23 -4.90
CA THR A 199 37.17 -7.32 -3.47
C THR A 199 36.34 -8.54 -3.12
N GLY A 200 36.12 -9.43 -4.09
CA GLY A 200 35.44 -10.68 -3.86
C GLY A 200 33.97 -10.63 -4.24
N TYR A 201 33.28 -9.58 -3.80
CA TYR A 201 31.86 -9.44 -4.06
C TYR A 201 31.54 -8.19 -4.88
N GLN A 202 30.33 -8.15 -5.42
CA GLN A 202 29.84 -6.98 -6.15
C GLN A 202 28.75 -6.29 -5.34
N VAL A 203 28.81 -4.96 -5.28
CA VAL A 203 27.88 -4.21 -4.46
C VAL A 203 27.09 -3.19 -5.28
N GLN A 204 25.77 -3.19 -5.11
CA GLN A 204 24.91 -2.24 -5.79
C GLN A 204 23.68 -1.89 -4.96
N SER A 205 23.31 -0.61 -4.95
CA SER A 205 22.12 -0.17 -4.24
C SER A 205 20.90 -0.31 -5.14
N VAL A 206 19.80 -0.79 -4.57
CA VAL A 206 18.60 -1.07 -5.35
C VAL A 206 17.36 -0.44 -4.74
N PHE A 207 16.58 0.23 -5.58
CA PHE A 207 15.26 0.74 -5.18
C PHE A 207 14.18 -0.11 -5.83
N GLN A 208 13.10 -0.38 -5.11
CA GLN A 208 12.12 -1.35 -5.58
C GLN A 208 10.68 -1.06 -5.16
N ILE A 209 9.74 -1.28 -6.08
CA ILE A 209 8.32 -1.29 -5.76
C ILE A 209 7.66 -2.53 -6.36
N THR A 210 6.94 -3.28 -5.54
CA THR A 210 6.27 -4.50 -5.99
C THR A 210 4.76 -4.31 -6.05
N GLN A 211 4.13 -4.86 -7.08
CA GLN A 211 2.67 -4.79 -7.22
C GLN A 211 2.19 -5.84 -8.22
N ASP A 212 0.94 -6.26 -8.06
CA ASP A 212 0.32 -7.19 -9.01
C ASP A 212 0.28 -6.57 -10.40
N THR A 213 0.19 -7.42 -11.43
CA THR A 213 0.19 -6.96 -12.83
C THR A 213 -1.07 -6.15 -13.18
N ARG A 214 -2.10 -6.23 -12.34
CA ARG A 214 -3.36 -5.49 -12.56
C ARG A 214 -3.22 -3.96 -12.52
N ASP A 215 -2.10 -3.53 -11.95
CA ASP A 215 -1.74 -2.13 -11.95
C ASP A 215 -0.36 -1.88 -12.58
N ILE A 216 0.00 -2.69 -13.58
CA ILE A 216 1.27 -2.53 -14.26
C ILE A 216 1.30 -1.24 -15.09
N GLU A 217 0.13 -0.83 -15.58
CA GLU A 217 0.04 0.44 -16.30
C GLU A 217 0.40 1.60 -15.38
N LEU A 218 0.06 1.45 -14.10
CA LEU A 218 0.41 2.46 -13.09
C LEU A 218 1.90 2.42 -12.80
N MET A 219 2.47 1.21 -12.83
CA MET A 219 3.90 1.07 -12.60
C MET A 219 4.71 1.69 -13.73
N LYS A 220 4.20 1.58 -14.95
CA LYS A 220 4.90 2.09 -16.13
C LYS A 220 4.96 3.61 -16.15
N ASN A 221 3.83 4.26 -15.94
CA ASN A 221 3.81 5.73 -15.95
C ASN A 221 4.26 6.29 -14.61
N LEU A 222 4.67 5.40 -13.71
CA LEU A 222 5.35 5.79 -12.48
C LEU A 222 6.83 6.03 -12.79
N ILE A 223 7.35 5.29 -13.77
CA ILE A 223 8.72 5.45 -14.23
C ILE A 223 8.92 6.80 -14.92
N SER A 224 7.98 7.16 -15.78
CA SER A 224 8.01 8.45 -16.47
C SER A 224 8.02 9.60 -15.48
N TYR A 225 7.29 9.43 -14.39
CA TYR A 225 7.20 10.45 -13.35
C TYR A 225 8.54 10.57 -12.62
N LEU A 226 9.23 9.44 -12.48
CA LEU A 226 10.51 9.42 -11.78
C LEU A 226 11.69 9.45 -12.75
N ASN A 227 11.40 9.37 -14.04
CA ASN A 227 12.41 9.49 -15.11
C ASN A 227 13.53 8.45 -15.03
N CYS A 228 13.25 7.30 -14.43
CA CYS A 228 14.22 6.21 -14.35
C CYS A 228 13.56 4.93 -13.84
N GLY A 229 14.28 3.82 -13.96
CA GLY A 229 13.80 2.54 -13.48
C GLY A 229 13.45 1.56 -14.59
N ASN A 230 13.46 0.28 -14.26
CA ASN A 230 13.07 -0.76 -15.22
C ASN A 230 11.94 -1.62 -14.68
N ILE A 231 11.18 -2.22 -15.59
CA ILE A 231 10.07 -3.10 -15.21
C ILE A 231 10.49 -4.57 -15.29
N ARG A 232 10.24 -5.31 -14.22
CA ARG A 232 10.58 -6.72 -14.18
C ARG A 232 9.35 -7.59 -13.88
N ILE A 233 9.15 -8.61 -14.71
CA ILE A 233 8.06 -9.56 -14.52
C ILE A 233 8.60 -10.86 -13.94
N ARG A 234 8.08 -11.27 -12.79
CA ARG A 234 8.56 -12.46 -12.11
C ARG A 234 8.09 -13.74 -12.80
N LYS A 235 8.37 -14.88 -12.18
CA LYS A 235 7.98 -16.17 -12.72
C LYS A 235 6.47 -16.37 -12.63
N THR A 245 2.60 -13.11 -12.19
CA THR A 245 1.56 -12.51 -11.37
C THR A 245 1.97 -11.13 -10.85
N CYS A 246 3.08 -11.09 -10.11
CA CYS A 246 3.54 -9.84 -9.53
C CYS A 246 4.49 -9.09 -10.47
N VAL A 247 4.54 -7.77 -10.30
CA VAL A 247 5.38 -6.92 -11.14
C VAL A 247 6.23 -5.98 -10.28
N ASP A 248 7.52 -5.84 -10.61
CA ASP A 248 8.44 -5.03 -9.84
C ASP A 248 9.00 -3.84 -10.61
N LEU A 249 9.19 -2.73 -9.91
CA LEU A 249 9.88 -1.56 -10.45
C LEU A 249 11.26 -1.46 -9.83
N VAL A 250 12.31 -1.68 -10.62
CA VAL A 250 13.66 -1.72 -10.07
C VAL A 250 14.56 -0.58 -10.56
N VAL A 251 15.35 -0.03 -9.65
CA VAL A 251 16.35 0.99 -9.98
C VAL A 251 17.72 0.55 -9.47
N THR A 252 18.69 0.50 -10.38
CA THR A 252 20.03 0.02 -10.05
C THR A 252 21.12 1.02 -10.43
N ASN A 253 20.85 1.81 -11.47
CA ASN A 253 21.77 2.85 -11.90
C ASN A 253 22.06 3.85 -10.79
N LEU A 254 23.31 3.91 -10.36
CA LEU A 254 23.71 4.82 -9.29
C LEU A 254 23.52 6.29 -9.67
N ASN A 255 23.56 6.57 -10.97
CA ASN A 255 23.38 7.94 -11.44
C ASN A 255 21.97 8.42 -11.12
N ASP A 256 21.00 7.56 -11.36
CA ASP A 256 19.60 7.85 -11.06
C ASP A 256 19.37 7.92 -9.55
N ILE A 257 19.90 6.94 -8.83
CA ILE A 257 19.76 6.88 -7.38
C ILE A 257 20.34 8.12 -6.69
N LYS A 258 21.50 8.56 -7.15
CA LYS A 258 22.19 9.67 -6.50
C LYS A 258 21.51 11.02 -6.73
N GLU A 259 20.95 11.21 -7.91
CA GLU A 259 20.46 12.54 -8.30
C GLU A 259 18.94 12.64 -8.41
N LYS A 260 18.29 11.51 -8.67
CA LYS A 260 16.85 11.52 -8.91
C LYS A 260 16.05 10.92 -7.76
N ILE A 261 16.51 9.78 -7.25
CA ILE A 261 15.77 9.06 -6.21
C ILE A 261 15.95 9.68 -4.82
N ILE A 262 17.20 9.77 -4.36
CA ILE A 262 17.48 10.26 -3.02
C ILE A 262 16.95 11.69 -2.76
N PRO A 263 17.17 12.64 -3.69
CA PRO A 263 16.60 13.96 -3.43
C PRO A 263 15.07 13.97 -3.41
N PHE A 264 14.46 13.05 -4.16
CA PHE A 264 13.01 12.94 -4.21
C PHE A 264 12.45 12.52 -2.85
N PHE A 265 13.03 11.47 -2.28
CA PHE A 265 12.57 10.95 -1.00
C PHE A 265 13.13 11.75 0.17
N ASN A 266 14.00 12.70 -0.11
CA ASN A 266 14.45 13.63 0.91
C ASN A 266 13.47 14.78 1.05
N LYS A 267 12.80 15.13 -0.05
CA LYS A 267 11.75 16.14 -0.01
C LYS A 267 10.42 15.50 0.40
N ASN A 268 10.12 14.34 -0.20
CA ASN A 268 8.94 13.56 0.14
C ASN A 268 9.28 12.45 1.12
N HIS A 269 9.10 12.70 2.41
CA HIS A 269 9.60 11.81 3.45
C HIS A 269 8.93 10.44 3.48
N ILE A 270 9.71 9.45 3.89
CA ILE A 270 9.24 8.08 4.09
C ILE A 270 8.81 7.91 5.54
N ILE A 271 7.66 7.29 5.74
CA ILE A 271 7.12 7.12 7.08
C ILE A 271 7.31 5.68 7.59
N GLY A 272 7.42 5.55 8.90
CA GLY A 272 7.55 4.24 9.53
C GLY A 272 8.97 3.85 9.82
N VAL A 273 9.17 2.57 10.14
CA VAL A 273 10.49 2.03 10.40
C VAL A 273 11.32 2.05 9.12
N LYS A 274 10.63 2.02 7.99
CA LYS A 274 11.26 2.07 6.68
C LYS A 274 12.13 3.31 6.51
N LEU A 275 11.78 4.39 7.21
CA LEU A 275 12.56 5.62 7.17
C LEU A 275 13.96 5.37 7.70
N GLN A 276 14.05 4.57 8.76
CA GLN A 276 15.34 4.20 9.32
C GLN A 276 16.12 3.32 8.34
N ASP A 277 15.39 2.60 7.50
CA ASP A 277 16.01 1.77 6.47
C ASP A 277 16.50 2.62 5.31
N TYR A 278 15.76 3.68 4.99
CA TYR A 278 16.13 4.58 3.91
C TYR A 278 17.39 5.36 4.23
N ARG A 279 17.55 5.72 5.50
CA ARG A 279 18.71 6.49 5.95
C ARG A 279 19.99 5.67 5.88
N ASP A 280 19.92 4.40 6.28
CA ASP A 280 21.06 3.52 6.17
C ASP A 280 21.37 3.24 4.71
N TRP A 281 20.31 3.10 3.92
CA TRP A 281 20.42 2.91 2.48
C TRP A 281 21.19 4.05 1.84
N CYS A 282 20.78 5.29 2.16
CA CYS A 282 21.44 6.48 1.64
C CYS A 282 22.88 6.55 2.12
N LYS A 283 23.12 6.11 3.35
CA LYS A 283 24.45 6.10 3.93
C LYS A 283 25.38 5.13 3.20
N VAL A 284 24.81 4.07 2.65
CA VAL A 284 25.57 3.09 1.89
C VAL A 284 25.83 3.60 0.48
N VAL A 285 24.84 4.29 -0.08
CA VAL A 285 24.95 4.84 -1.44
C VAL A 285 26.19 5.72 -1.59
N THR A 286 26.44 6.60 -0.63
CA THR A 286 27.57 7.51 -0.72
C THR A 286 28.90 6.76 -0.57
N LEU A 287 28.87 5.61 0.10
CA LEU A 287 30.06 4.78 0.23
C LEU A 287 30.41 4.15 -1.11
N ILE A 288 29.37 3.86 -1.90
CA ILE A 288 29.56 3.32 -3.23
C ILE A 288 30.03 4.41 -4.19
N ASP A 289 29.46 5.60 -4.02
CA ASP A 289 29.81 6.75 -4.86
C ASP A 289 31.28 7.11 -4.74
N ASN A 290 31.87 6.82 -3.58
CA ASN A 290 33.29 7.11 -3.36
C ASN A 290 34.14 5.84 -3.41
N LYS A 291 33.61 4.82 -4.07
CA LYS A 291 34.34 3.59 -4.40
C LYS A 291 34.91 2.86 -3.18
N GLU A 292 34.21 2.94 -2.05
CA GLU A 292 34.63 2.21 -0.85
C GLU A 292 34.08 0.79 -0.85
N HIS A 293 33.33 0.46 -1.90
CA HIS A 293 32.81 -0.89 -2.08
C HIS A 293 33.81 -1.73 -2.87
N LEU A 294 34.97 -1.15 -3.15
CA LEU A 294 36.02 -1.86 -3.87
C LEU A 294 37.15 -2.24 -2.91
N THR A 295 37.17 -1.61 -1.75
CA THR A 295 38.09 -1.99 -0.67
C THR A 295 37.43 -3.02 0.23
N SER A 296 38.16 -4.08 0.56
CA SER A 296 37.60 -5.21 1.30
C SER A 296 37.11 -4.85 2.70
N GLU A 297 37.75 -3.88 3.34
CA GLU A 297 37.41 -3.53 4.71
C GLU A 297 36.42 -2.37 4.77
N GLY A 298 36.26 -1.69 3.64
CA GLY A 298 35.20 -0.72 3.50
C GLY A 298 33.94 -1.48 3.14
N LEU A 299 34.13 -2.64 2.53
CA LEU A 299 33.05 -3.54 2.18
C LEU A 299 32.42 -4.15 3.43
N GLU A 300 33.27 -4.59 4.34
CA GLU A 300 32.82 -5.18 5.60
C GLU A 300 31.97 -4.19 6.39
N LYS A 301 32.30 -2.90 6.28
CA LYS A 301 31.52 -1.86 6.92
C LYS A 301 30.17 -1.69 6.24
N ILE A 302 30.16 -1.79 4.91
CA ILE A 302 28.92 -1.72 4.14
C ILE A 302 28.01 -2.88 4.51
N GLN A 303 28.60 -4.06 4.66
CA GLN A 303 27.84 -5.25 5.07
C GLN A 303 27.30 -5.08 6.48
N LYS A 304 28.09 -4.48 7.36
CA LYS A 304 27.70 -4.28 8.75
C LYS A 304 26.45 -3.41 8.84
N ILE A 305 26.28 -2.52 7.87
CA ILE A 305 25.09 -1.69 7.79
C ILE A 305 23.88 -2.51 7.32
N LYS A 306 24.14 -3.44 6.41
CA LYS A 306 23.09 -4.22 5.77
C LYS A 306 22.28 -5.09 6.74
N GLU A 307 22.97 -5.82 7.62
CA GLU A 307 22.28 -6.73 8.53
C GLU A 307 21.53 -5.98 9.63
N GLY A 308 21.72 -4.67 9.70
CA GLY A 308 20.95 -3.84 10.60
C GLY A 308 19.74 -3.26 9.87
N MET A 309 19.63 -3.60 8.59
CA MET A 309 18.55 -3.11 7.76
C MET A 309 17.48 -4.15 7.51
N ASN A 310 16.25 -3.68 7.35
CA ASN A 310 15.13 -4.51 6.94
C ASN A 310 14.92 -5.75 7.80
N ARG A 311 15.05 -6.91 7.18
CA ARG A 311 14.77 -8.19 7.84
C ARG A 311 15.74 -8.45 8.99
N GLY A 312 16.85 -7.73 8.99
CA GLY A 312 17.84 -7.87 10.05
C GLY A 312 17.61 -6.91 11.21
N ARG A 313 16.87 -5.83 10.96
CA ARG A 313 16.62 -4.83 11.99
C ARG A 313 15.76 -5.37 13.11
N SER A 314 16.32 -5.39 14.32
CA SER A 314 15.63 -5.93 15.48
C SER A 314 14.68 -4.91 16.10
CA CA D . -0.45 -3.76 -1.58
CA CA E . 4.65 -2.78 3.86
CA CA F . 2.12 -4.41 1.04
#